data_6H00
#
_entry.id   6H00
#
_cell.length_a   83.330
_cell.length_b   83.330
_cell.length_c   58.930
_cell.angle_alpha   90.000
_cell.angle_beta   90.000
_cell.angle_gamma   120.000
#
_symmetry.space_group_name_H-M   'P 31 2 1'
#
loop_
_entity.id
_entity.type
_entity.pdbx_description
1 polymer "Pyridoxine-5'-phosphate oxidase"
2 non-polymer 'SULFATE ION'
3 non-polymer 'FLAVIN MONONUCLEOTIDE'
4 non-polymer 1,2-ETHANEDIOL
5 water water
#
_entity_poly.entity_id   1
_entity_poly.type   'polypeptide(L)'
_entity_poly.pdbx_seq_one_letter_code
;MTCWLRGVTATFGRPAEWPGYLSHLCGRSAAMDLGPMRKSYRGDREAFEETHLTSLDPVKQFAAWFEEAVQCPDIGEANA
MCLATCTRDGKPSARMLLLKGFGKDGFRFFTNFESQKGKELDSNPFASLVFYWEPLNRQVRVEGPVKKLPEEEAECYFHS
RPKSSQIGAVVSHQSSVIPDREYLRKKNEELEQLYQDQEVPKPKSWGGYVLYPQVMEFWQGQTNRLHDRIVFRRGLPTGD
SPLGPMTHRGEEDWLYERLAP
;
_entity_poly.pdbx_strand_id   A
#
loop_
_chem_comp.id
_chem_comp.type
_chem_comp.name
_chem_comp.formula
EDO non-polymer 1,2-ETHANEDIOL 'C2 H6 O2'
FMN non-polymer 'FLAVIN MONONUCLEOTIDE' 'C17 H21 N4 O9 P'
SO4 non-polymer 'SULFATE ION' 'O4 S -2'
#
# COMPACT_ATOMS: atom_id res chain seq x y z
N THR A 51 11.87 4.76 23.61
CA THR A 51 11.28 4.27 22.33
C THR A 51 10.08 3.34 22.54
N HIS A 52 10.34 2.18 23.13
CA HIS A 52 9.33 1.15 23.39
C HIS A 52 9.11 0.30 22.13
N LEU A 53 10.18 0.02 21.38
CA LEU A 53 10.11 -0.65 20.06
C LEU A 53 10.45 -2.12 20.19
N THR A 54 9.99 -2.91 19.20
CA THR A 54 10.31 -4.34 19.04
C THR A 54 11.60 -4.52 18.22
N SER A 55 11.85 -3.60 17.28
CA SER A 55 13.00 -3.68 16.37
C SER A 55 13.41 -2.28 15.94
N LEU A 56 14.71 -2.10 15.67
CA LEU A 56 15.24 -0.86 15.11
C LEU A 56 15.43 -0.93 13.60
N ASP A 57 14.92 -2.01 12.99
CA ASP A 57 14.64 -2.08 11.55
C ASP A 57 13.17 -1.74 11.45
N PRO A 58 12.82 -0.58 10.83
CA PRO A 58 11.42 -0.22 10.84
C PRO A 58 10.54 -1.14 10.00
N VAL A 59 11.09 -1.93 9.05
CA VAL A 59 10.26 -2.89 8.33
C VAL A 59 9.83 -4.01 9.30
N LYS A 60 10.73 -4.42 10.18
CA LYS A 60 10.41 -5.42 11.22
C LYS A 60 9.51 -4.87 12.33
N GLN A 61 9.67 -3.59 12.67
CA GLN A 61 8.70 -2.93 13.57
C GLN A 61 7.33 -2.92 12.94
N PHE A 62 7.28 -2.58 11.66
CA PHE A 62 6.00 -2.66 10.96
C PHE A 62 5.41 -4.06 11.05
N ALA A 63 6.23 -5.08 10.78
CA ALA A 63 5.75 -6.47 10.89
C ALA A 63 5.12 -6.76 12.25
N ALA A 64 5.78 -6.30 13.32
CA ALA A 64 5.27 -6.53 14.68
C ALA A 64 3.88 -5.90 14.89
N TRP A 65 3.75 -4.64 14.50
CA TRP A 65 2.46 -3.96 14.57
C TRP A 65 1.41 -4.57 13.66
N PHE A 66 1.81 -4.91 12.44
CA PHE A 66 0.88 -5.52 11.48
C PHE A 66 0.29 -6.82 12.05
N GLU A 67 1.16 -7.65 12.63
CA GLU A 67 0.71 -8.90 13.32
C GLU A 67 -0.36 -8.61 14.37
N GLU A 68 -0.12 -7.60 15.21
CA GLU A 68 -1.09 -7.19 16.28
C GLU A 68 -2.42 -6.67 15.71
N ALA A 69 -2.35 -5.95 14.60
CA ALA A 69 -3.56 -5.49 13.85
C ALA A 69 -4.36 -6.68 13.25
N VAL A 70 -3.65 -7.69 12.71
CA VAL A 70 -4.31 -8.87 12.15
C VAL A 70 -5.00 -9.64 13.27
N GLN A 71 -4.37 -9.76 14.45
N GLN A 71 -4.40 -9.72 14.46
CA GLN A 71 -5.01 -10.49 15.58
CA GLN A 71 -5.02 -10.49 15.52
C GLN A 71 -6.11 -9.70 16.30
C GLN A 71 -6.05 -9.69 16.35
N CYS A 72 -6.24 -8.41 16.02
CA CYS A 72 -7.30 -7.60 16.64
C CYS A 72 -8.66 -7.91 15.99
N PRO A 73 -9.64 -8.40 16.76
CA PRO A 73 -10.92 -8.73 16.15
C PRO A 73 -11.73 -7.52 15.65
N ASP A 74 -11.40 -6.32 16.12
CA ASP A 74 -12.10 -5.08 15.72
C ASP A 74 -11.53 -4.38 14.48
N ILE A 75 -10.48 -4.95 13.88
CA ILE A 75 -9.91 -4.48 12.60
C ILE A 75 -10.28 -5.49 11.50
N GLY A 76 -11.01 -5.01 10.51
CA GLY A 76 -11.50 -5.85 9.42
C GLY A 76 -10.43 -6.25 8.43
N GLU A 77 -9.76 -5.25 7.85
CA GLU A 77 -8.62 -5.48 6.94
C GLU A 77 -7.43 -4.71 7.48
N ALA A 78 -6.54 -5.43 8.16
CA ALA A 78 -5.31 -4.85 8.70
C ALA A 78 -4.39 -4.28 7.60
N ASN A 79 -4.52 -4.82 6.39
CA ASN A 79 -3.70 -4.41 5.25
C ASN A 79 -4.28 -3.26 4.44
N ALA A 80 -5.45 -2.73 4.84
CA ALA A 80 -5.97 -1.54 4.20
C ALA A 80 -5.09 -0.36 4.53
N MET A 81 -4.75 0.41 3.50
CA MET A 81 -3.90 1.58 3.64
C MET A 81 -4.32 2.66 2.65
N CYS A 82 -4.02 3.90 3.00
CA CYS A 82 -4.28 5.04 2.14
C CYS A 82 -2.99 5.34 1.35
N LEU A 83 -3.09 5.32 0.02
CA LEU A 83 -1.99 5.65 -0.89
C LEU A 83 -2.17 7.05 -1.40
N ALA A 84 -1.18 7.90 -1.09
CA ALA A 84 -1.15 9.28 -1.60
C ALA A 84 -0.11 9.36 -2.74
N THR A 85 -0.53 9.97 -3.83
CA THR A 85 0.32 10.23 -4.99
C THR A 85 0.11 11.69 -5.38
N CYS A 86 0.87 12.13 -6.36
CA CYS A 86 0.62 13.46 -6.92
C CYS A 86 1.20 13.58 -8.31
N THR A 87 0.71 14.61 -8.99
CA THR A 87 1.29 15.00 -10.27
C THR A 87 2.67 15.64 -10.05
N ARG A 88 3.50 15.69 -11.09
CA ARG A 88 4.79 16.38 -10.98
C ARG A 88 4.63 17.84 -10.58
N ASP A 89 3.54 18.45 -11.05
CA ASP A 89 3.12 19.84 -10.80
C ASP A 89 2.52 20.05 -9.37
N GLY A 90 2.37 18.97 -8.60
CA GLY A 90 2.07 19.11 -7.18
C GLY A 90 0.58 19.10 -6.82
N LYS A 91 -0.22 18.36 -7.57
CA LYS A 91 -1.63 18.17 -7.24
C LYS A 91 -1.78 16.78 -6.62
N PRO A 92 -2.11 16.74 -5.32
CA PRO A 92 -2.18 15.45 -4.61
C PRO A 92 -3.51 14.74 -4.80
N SER A 93 -3.46 13.42 -4.72
CA SER A 93 -4.65 12.58 -4.70
C SER A 93 -4.40 11.43 -3.72
N ALA A 94 -5.48 10.79 -3.28
CA ALA A 94 -5.33 9.74 -2.29
C ALA A 94 -6.55 8.86 -2.25
N ARG A 95 -6.32 7.60 -1.96
CA ARG A 95 -7.39 6.57 -1.96
C ARG A 95 -6.95 5.36 -1.16
N MET A 96 -7.92 4.58 -0.70
CA MET A 96 -7.64 3.32 -0.02
C MET A 96 -7.33 2.22 -1.03
N LEU A 97 -6.41 1.38 -0.63
CA LEU A 97 -6.20 0.13 -1.30
C LEU A 97 -5.57 -0.89 -0.34
N LEU A 98 -5.28 -2.11 -0.82
CA LEU A 98 -4.74 -3.14 0.04
C LEU A 98 -3.28 -3.42 -0.18
N LEU A 99 -2.54 -3.47 0.92
CA LEU A 99 -1.19 -4.01 0.90
C LEU A 99 -1.23 -5.50 0.54
N LYS A 100 -0.41 -5.86 -0.46
CA LYS A 100 -0.30 -7.24 -0.95
C LYS A 100 1.17 -7.66 -1.06
N GLY A 101 1.83 -7.64 0.08
CA GLY A 101 3.18 -8.17 0.25
C GLY A 101 4.05 -7.08 0.82
N PHE A 102 4.96 -7.43 1.73
CA PHE A 102 5.93 -6.48 2.22
C PHE A 102 7.16 -7.22 2.67
N GLY A 103 8.28 -6.51 2.62
CA GLY A 103 9.55 -7.10 3.06
C GLY A 103 10.67 -6.12 2.91
N LYS A 104 11.91 -6.62 2.93
CA LYS A 104 13.09 -5.74 2.84
C LYS A 104 13.07 -4.74 1.66
N ASP A 105 12.60 -5.22 0.51
CA ASP A 105 12.42 -4.44 -0.74
C ASP A 105 11.30 -3.39 -0.69
N GLY A 106 10.36 -3.56 0.23
CA GLY A 106 9.35 -2.56 0.48
C GLY A 106 7.93 -3.10 0.41
N PHE A 107 7.00 -2.20 0.12
CA PHE A 107 5.57 -2.42 0.25
C PHE A 107 4.94 -2.56 -1.12
N ARG A 108 4.25 -3.68 -1.36
CA ARG A 108 3.69 -4.01 -2.67
CA ARG A 108 3.70 -4.00 -2.68
C ARG A 108 2.17 -3.81 -2.76
N PHE A 109 1.72 -3.32 -3.90
CA PHE A 109 0.31 -3.13 -4.18
C PHE A 109 0.07 -3.24 -5.66
N PHE A 110 -1.18 -3.55 -6.01
CA PHE A 110 -1.57 -3.85 -7.39
C PHE A 110 -2.72 -2.99 -7.83
N THR A 111 -2.72 -2.63 -9.11
CA THR A 111 -3.73 -1.73 -9.65
C THR A 111 -3.69 -1.69 -11.19
N ASN A 112 -4.70 -1.05 -11.77
CA ASN A 112 -4.73 -0.69 -13.19
C ASN A 112 -3.84 0.55 -13.39
N PHE A 113 -2.86 0.44 -14.28
CA PHE A 113 -1.91 1.51 -14.55
C PHE A 113 -2.57 2.71 -15.23
N GLU A 114 -3.76 2.53 -15.81
CA GLU A 114 -4.47 3.64 -16.47
C GLU A 114 -5.38 4.40 -15.53
N SER A 115 -5.41 4.02 -14.25
CA SER A 115 -6.14 4.77 -13.24
C SER A 115 -5.37 6.04 -12.89
N GLN A 116 -5.99 6.91 -12.10
CA GLN A 116 -5.33 8.14 -11.65
C GLN A 116 -4.02 7.83 -10.92
N LYS A 117 -4.06 6.86 -10.02
CA LYS A 117 -2.88 6.55 -9.24
C LYS A 117 -1.78 6.03 -10.13
N GLY A 118 -2.14 5.22 -11.12
CA GLY A 118 -1.12 4.62 -12.00
C GLY A 118 -0.49 5.68 -12.90
N LYS A 119 -1.31 6.60 -13.42
CA LYS A 119 -0.82 7.68 -14.26
C LYS A 119 0.15 8.59 -13.47
N GLU A 120 -0.21 8.87 -12.22
CA GLU A 120 0.61 9.72 -11.39
C GLU A 120 1.93 9.03 -11.00
N LEU A 121 1.87 7.76 -10.60
CA LEU A 121 3.08 7.01 -10.26
C LEU A 121 4.02 6.85 -11.44
N ASP A 122 3.45 6.61 -12.61
CA ASP A 122 4.28 6.46 -13.83
C ASP A 122 4.97 7.78 -14.22
N SER A 123 4.27 8.90 -14.01
CA SER A 123 4.79 10.25 -14.29
CA SER A 123 4.79 10.25 -14.29
C SER A 123 5.74 10.76 -13.21
N ASN A 124 5.47 10.31 -11.98
CA ASN A 124 6.04 10.88 -10.75
C ASN A 124 6.17 9.81 -9.70
N PRO A 125 7.24 9.02 -9.75
CA PRO A 125 7.26 7.75 -8.97
C PRO A 125 7.68 7.89 -7.50
N PHE A 126 6.85 8.62 -6.76
CA PHE A 126 7.01 8.86 -5.33
C PHE A 126 5.65 8.74 -4.71
N ALA A 127 5.58 8.14 -3.52
CA ALA A 127 4.29 7.91 -2.89
C ALA A 127 4.41 7.96 -1.38
N SER A 128 3.26 8.05 -0.72
CA SER A 128 3.16 7.92 0.73
C SER A 128 2.01 6.98 1.04
N LEU A 129 2.18 6.24 2.12
CA LEU A 129 1.17 5.31 2.64
C LEU A 129 0.82 5.68 4.07
N VAL A 130 -0.45 5.45 4.43
CA VAL A 130 -0.89 5.59 5.83
C VAL A 130 -1.67 4.33 6.18
N PHE A 131 -1.26 3.69 7.25
CA PHE A 131 -1.99 2.64 7.93
C PHE A 131 -2.58 3.25 9.16
N TYR A 132 -3.88 3.10 9.37
CA TYR A 132 -4.53 3.64 10.55
C TYR A 132 -5.37 2.51 11.16
N TRP A 133 -5.01 2.14 12.39
CA TRP A 133 -5.63 1.08 13.15
C TRP A 133 -6.30 1.67 14.39
N GLU A 134 -7.51 2.20 14.19
CA GLU A 134 -8.18 2.98 15.23
C GLU A 134 -8.34 2.20 16.53
N PRO A 135 -8.74 0.91 16.48
CA PRO A 135 -8.91 0.20 17.75
C PRO A 135 -7.64 0.06 18.58
N LEU A 136 -6.48 0.14 17.96
CA LEU A 136 -5.20 0.12 18.69
C LEU A 136 -4.59 1.52 18.85
N ASN A 137 -5.28 2.56 18.37
CA ASN A 137 -4.80 3.95 18.41
C ASN A 137 -3.42 4.08 17.79
N ARG A 138 -3.23 3.41 16.65
CA ARG A 138 -1.89 3.37 16.00
C ARG A 138 -1.97 3.85 14.56
N GLN A 139 -0.91 4.53 14.14
CA GLN A 139 -0.77 4.97 12.76
C GLN A 139 0.67 4.66 12.29
N VAL A 140 0.80 4.20 11.04
CA VAL A 140 2.12 4.05 10.40
C VAL A 140 2.11 4.86 9.13
N ARG A 141 3.13 5.70 8.98
CA ARG A 141 3.30 6.49 7.74
C ARG A 141 4.55 6.03 7.05
N VAL A 142 4.46 5.85 5.73
CA VAL A 142 5.63 5.45 4.93
C VAL A 142 5.77 6.40 3.74
N GLU A 143 6.99 6.84 3.44
CA GLU A 143 7.23 7.63 2.24
C GLU A 143 8.38 6.97 1.51
N GLY A 144 8.27 6.91 0.20
CA GLY A 144 9.44 6.52 -0.59
C GLY A 144 9.16 6.44 -2.08
N PRO A 145 10.20 6.19 -2.86
CA PRO A 145 10.05 6.02 -4.31
C PRO A 145 9.36 4.70 -4.65
N VAL A 146 8.78 4.62 -5.85
CA VAL A 146 8.06 3.45 -6.31
C VAL A 146 8.73 2.91 -7.59
N LYS A 147 8.78 1.58 -7.72
CA LYS A 147 9.15 0.92 -8.96
C LYS A 147 7.99 0.05 -9.41
N LYS A 148 7.73 0.01 -10.70
CA LYS A 148 6.76 -0.91 -11.22
C LYS A 148 7.35 -2.35 -11.17
N LEU A 149 6.51 -3.32 -10.82
CA LEU A 149 6.93 -4.70 -10.70
C LEU A 149 7.13 -5.32 -12.07
N PRO A 150 8.06 -6.28 -12.19
CA PRO A 150 8.19 -6.99 -13.46
C PRO A 150 6.87 -7.64 -13.90
N GLU A 151 6.62 -7.60 -15.22
CA GLU A 151 5.39 -8.16 -15.78
C GLU A 151 5.18 -9.65 -15.41
N GLU A 152 6.25 -10.45 -15.43
CA GLU A 152 6.18 -11.88 -15.02
C GLU A 152 5.68 -12.04 -13.57
N GLU A 153 6.21 -11.21 -12.66
CA GLU A 153 5.77 -11.25 -11.26
C GLU A 153 4.29 -10.86 -11.16
N ALA A 154 3.87 -9.83 -11.88
CA ALA A 154 2.45 -9.45 -11.88
C ALA A 154 1.55 -10.55 -12.43
N GLU A 155 2.01 -11.24 -13.47
CA GLU A 155 1.22 -12.31 -14.10
C GLU A 155 1.01 -13.46 -13.13
N CYS A 156 2.09 -13.87 -12.47
CA CYS A 156 2.03 -14.93 -11.48
C CYS A 156 1.08 -14.56 -10.31
N TYR A 157 1.20 -13.33 -9.82
CA TYR A 157 0.30 -12.85 -8.77
C TYR A 157 -1.17 -12.81 -9.25
N PHE A 158 -1.39 -12.28 -10.43
CA PHE A 158 -2.75 -12.18 -11.01
C PHE A 158 -3.46 -13.55 -11.03
N HIS A 159 -2.75 -14.55 -11.53
CA HIS A 159 -3.29 -15.91 -11.62
C HIS A 159 -3.45 -16.65 -10.29
N SER A 160 -2.83 -16.15 -9.23
CA SER A 160 -3.02 -16.67 -7.88
C SER A 160 -4.31 -16.16 -7.21
N ARG A 161 -4.98 -15.20 -7.84
CA ARG A 161 -6.16 -14.61 -7.24
C ARG A 161 -7.36 -15.40 -7.68
N PRO A 162 -8.48 -15.27 -6.94
CA PRO A 162 -9.71 -15.94 -7.35
C PRO A 162 -10.12 -15.52 -8.75
N LYS A 163 -10.75 -16.43 -9.48
CA LYS A 163 -11.17 -16.16 -10.86
C LYS A 163 -12.05 -14.92 -10.94
N SER A 164 -12.92 -14.71 -9.94
CA SER A 164 -13.81 -13.55 -9.92
C SER A 164 -13.06 -12.22 -9.84
N SER A 165 -11.95 -12.19 -9.10
CA SER A 165 -11.10 -11.00 -9.03
C SER A 165 -10.39 -10.73 -10.36
N GLN A 166 -9.92 -11.80 -11.00
CA GLN A 166 -9.24 -11.69 -12.31
C GLN A 166 -10.22 -11.12 -13.34
N ILE A 167 -11.43 -11.65 -13.38
CA ILE A 167 -12.44 -11.19 -14.31
C ILE A 167 -12.81 -9.74 -13.95
N GLY A 168 -12.94 -9.43 -12.66
CA GLY A 168 -13.14 -8.05 -12.21
C GLY A 168 -12.15 -7.04 -12.77
N ALA A 169 -10.86 -7.43 -12.86
CA ALA A 169 -9.83 -6.56 -13.40
C ALA A 169 -9.95 -6.32 -14.89
N VAL A 170 -10.41 -7.35 -15.60
CA VAL A 170 -10.64 -7.27 -17.05
C VAL A 170 -11.79 -6.34 -17.31
N VAL A 171 -12.90 -6.57 -16.58
CA VAL A 171 -14.14 -5.88 -16.91
C VAL A 171 -14.03 -4.39 -16.62
N SER A 172 -13.37 -4.06 -15.52
CA SER A 172 -13.39 -2.72 -15.01
C SER A 172 -12.13 -1.98 -15.46
N HIS A 173 -12.29 -1.09 -16.43
CA HIS A 173 -11.28 -0.08 -16.76
C HIS A 173 -11.35 0.92 -15.64
N GLN A 174 -10.67 0.59 -14.55
CA GLN A 174 -10.73 1.33 -13.31
C GLN A 174 -10.68 2.82 -13.55
N SER A 175 -11.71 3.50 -13.04
CA SER A 175 -11.80 4.95 -13.01
C SER A 175 -12.24 5.58 -14.35
N SER A 176 -12.58 4.74 -15.34
CA SER A 176 -13.28 5.17 -16.57
C SER A 176 -14.79 5.32 -16.30
N VAL A 177 -15.44 6.13 -17.12
CA VAL A 177 -16.84 6.43 -16.90
C VAL A 177 -17.72 5.30 -17.43
N ILE A 178 -18.77 4.95 -16.67
CA ILE A 178 -19.77 3.93 -17.08
C ILE A 178 -21.20 4.44 -16.89
N PRO A 179 -22.18 3.88 -17.61
CA PRO A 179 -23.51 4.48 -17.57
C PRO A 179 -24.34 4.20 -16.31
N ASP A 180 -24.20 3.03 -15.72
CA ASP A 180 -25.04 2.60 -14.59
C ASP A 180 -24.48 1.32 -13.96
N ARG A 181 -25.09 0.88 -12.85
CA ARG A 181 -24.73 -0.37 -12.15
C ARG A 181 -24.84 -1.62 -12.99
N GLU A 182 -25.94 -1.73 -13.71
CA GLU A 182 -26.25 -2.95 -14.48
C GLU A 182 -25.20 -3.22 -15.57
N TYR A 183 -24.69 -2.16 -16.18
CA TYR A 183 -23.60 -2.25 -17.17
C TYR A 183 -22.49 -3.20 -16.69
N LEU A 184 -22.05 -2.98 -15.46
CA LEU A 184 -20.97 -3.74 -14.83
C LEU A 184 -21.33 -5.21 -14.58
N ARG A 185 -22.52 -5.44 -14.03
CA ARG A 185 -22.98 -6.77 -13.70
C ARG A 185 -23.06 -7.59 -15.00
N LYS A 186 -23.68 -6.98 -16.03
CA LYS A 186 -23.83 -7.65 -17.33
C LYS A 186 -22.49 -8.01 -17.97
N LYS A 187 -21.53 -7.08 -17.98
CA LYS A 187 -20.22 -7.38 -18.62
C LYS A 187 -19.42 -8.45 -17.85
N ASN A 188 -19.55 -8.43 -16.53
CA ASN A 188 -18.93 -9.43 -15.70
C ASN A 188 -19.46 -10.83 -16.03
N GLU A 189 -20.77 -10.95 -16.15
CA GLU A 189 -21.38 -12.24 -16.48
C GLU A 189 -21.03 -12.69 -17.89
N GLU A 190 -20.88 -11.77 -18.82
CA GLU A 190 -20.47 -12.14 -20.18
C GLU A 190 -19.01 -12.66 -20.21
N LEU A 191 -18.13 -12.02 -19.43
CA LEU A 191 -16.76 -12.48 -19.32
C LEU A 191 -16.69 -13.80 -18.55
N GLU A 192 -17.56 -14.02 -17.56
CA GLU A 192 -17.66 -15.36 -16.92
C GLU A 192 -17.95 -16.45 -17.97
N GLN A 193 -18.82 -16.15 -18.93
CA GLN A 193 -19.10 -17.10 -20.00
C GLN A 193 -17.90 -17.35 -20.88
N LEU A 194 -17.24 -16.26 -21.25
CA LEU A 194 -16.09 -16.32 -22.13
C LEU A 194 -14.99 -17.15 -21.50
N TYR A 195 -14.80 -16.98 -20.19
CA TYR A 195 -13.68 -17.64 -19.48
C TYR A 195 -14.06 -18.90 -18.67
N GLN A 196 -15.22 -19.50 -18.95
CA GLN A 196 -15.56 -20.80 -18.36
C GLN A 196 -14.45 -21.81 -18.74
N ASP A 197 -13.90 -22.52 -17.76
CA ASP A 197 -12.88 -23.56 -18.00
C ASP A 197 -11.64 -23.08 -18.80
N GLN A 198 -11.30 -21.80 -18.65
CA GLN A 198 -10.22 -21.21 -19.43
C GLN A 198 -9.48 -20.21 -18.54
N GLU A 199 -8.19 -19.99 -18.80
CA GLU A 199 -7.42 -19.03 -17.98
C GLU A 199 -7.75 -17.61 -18.43
N VAL A 200 -7.88 -16.71 -17.46
CA VAL A 200 -8.11 -15.30 -17.74
C VAL A 200 -6.75 -14.63 -17.97
N PRO A 201 -6.57 -13.95 -19.11
CA PRO A 201 -5.28 -13.30 -19.33
C PRO A 201 -5.18 -12.01 -18.49
N LYS A 202 -4.01 -11.74 -17.94
CA LYS A 202 -3.76 -10.47 -17.26
C LYS A 202 -3.88 -9.30 -18.28
N PRO A 203 -4.67 -8.25 -17.95
CA PRO A 203 -4.72 -7.08 -18.83
C PRO A 203 -3.34 -6.45 -18.97
N LYS A 204 -3.02 -5.95 -20.16
CA LYS A 204 -1.74 -5.27 -20.37
C LYS A 204 -1.58 -4.10 -19.38
N SER A 205 -2.69 -3.41 -19.11
CA SER A 205 -2.71 -2.25 -18.22
C SER A 205 -2.74 -2.56 -16.71
N TRP A 206 -2.63 -3.83 -16.30
CA TRP A 206 -2.71 -4.21 -14.89
C TRP A 206 -1.36 -4.70 -14.37
N GLY A 207 -0.99 -4.29 -13.16
CA GLY A 207 0.18 -4.85 -12.54
C GLY A 207 0.40 -4.28 -11.16
N GLY A 208 1.65 -4.26 -10.74
CA GLY A 208 1.96 -3.80 -9.38
C GLY A 208 3.10 -2.85 -9.29
N TYR A 209 3.24 -2.33 -8.08
CA TYR A 209 4.30 -1.43 -7.72
C TYR A 209 4.87 -1.84 -6.39
N VAL A 210 6.12 -1.48 -6.14
CA VAL A 210 6.73 -1.67 -4.84
C VAL A 210 7.28 -0.31 -4.39
N LEU A 211 6.91 0.10 -3.18
CA LEU A 211 7.39 1.31 -2.54
C LEU A 211 8.55 0.95 -1.63
N TYR A 212 9.73 1.50 -1.91
CA TYR A 212 10.92 1.29 -1.13
C TYR A 212 10.98 2.35 -0.04
N PRO A 213 10.88 1.95 1.23
CA PRO A 213 10.73 2.98 2.22
C PRO A 213 11.98 3.80 2.50
N GLN A 214 11.82 5.12 2.50
CA GLN A 214 12.84 6.06 2.95
C GLN A 214 12.56 6.73 4.29
N VAL A 215 11.27 6.87 4.66
CA VAL A 215 10.82 7.42 5.91
C VAL A 215 9.71 6.53 6.41
N MET A 216 9.76 6.18 7.69
CA MET A 216 8.66 5.45 8.32
C MET A 216 8.42 5.99 9.69
N GLU A 217 7.20 6.44 9.96
CA GLU A 217 6.80 6.96 11.26
C GLU A 217 5.83 6.00 11.93
N PHE A 218 6.07 5.74 13.22
CA PHE A 218 5.18 4.97 14.10
C PHE A 218 4.59 5.92 15.12
N TRP A 219 3.26 5.99 15.16
CA TRP A 219 2.50 6.85 16.02
C TRP A 219 1.63 5.99 16.91
N GLN A 220 1.76 6.17 18.23
CA GLN A 220 0.88 5.54 19.19
C GLN A 220 0.16 6.62 19.96
N GLY A 221 -1.16 6.71 19.77
CA GLY A 221 -1.98 7.67 20.46
C GLY A 221 -2.06 7.38 21.94
N GLN A 222 -2.23 8.46 22.71
CA GLN A 222 -2.26 8.41 24.15
C GLN A 222 -3.42 9.27 24.60
N THR A 223 -4.07 8.82 25.68
CA THR A 223 -5.24 9.52 26.23
C THR A 223 -4.86 10.95 26.68
N ASN A 224 -3.69 11.10 27.30
CA ASN A 224 -3.19 12.41 27.73
C ASN A 224 -2.72 13.35 26.58
N ARG A 225 -2.90 12.95 25.32
CA ARG A 225 -2.63 13.78 24.12
C ARG A 225 -1.15 13.86 23.72
N LEU A 226 -0.26 13.35 24.57
CA LEU A 226 1.17 13.37 24.29
C LEU A 226 1.52 12.07 23.52
N HIS A 227 1.09 12.06 22.27
CA HIS A 227 1.20 10.90 21.38
C HIS A 227 2.68 10.57 21.20
N ASP A 228 3.00 9.28 21.21
CA ASP A 228 4.36 8.81 20.93
C ASP A 228 4.57 8.72 19.44
N ARG A 229 5.61 9.41 18.91
CA ARG A 229 5.95 9.42 17.49
C ARG A 229 7.41 9.13 17.38
N ILE A 230 7.72 8.02 16.72
CA ILE A 230 9.10 7.67 16.45
C ILE A 230 9.23 7.59 14.95
N VAL A 231 10.10 8.44 14.40
CA VAL A 231 10.34 8.47 12.94
CA VAL A 231 10.35 8.47 12.94
C VAL A 231 11.72 7.92 12.55
N PHE A 232 11.72 7.03 11.58
CA PHE A 232 12.92 6.41 11.01
C PHE A 232 13.14 7.06 9.65
N ARG A 233 14.38 7.45 9.37
CA ARG A 233 14.75 7.97 8.04
C ARG A 233 16.04 7.32 7.59
N ARG A 234 16.16 7.03 6.30
CA ARG A 234 17.47 6.55 5.79
C ARG A 234 18.46 7.70 5.66
N GLY A 235 19.69 7.44 6.13
CA GLY A 235 20.80 8.41 6.07
C GLY A 235 22.11 7.72 5.78
N LEU A 243 25.77 13.46 13.54
CA LEU A 243 24.68 12.87 14.33
C LEU A 243 24.33 13.76 15.53
N GLY A 244 23.10 14.27 15.56
CA GLY A 244 22.62 15.09 16.68
C GLY A 244 22.41 14.27 17.94
N PRO A 245 22.27 14.92 19.11
CA PRO A 245 22.14 14.19 20.37
C PRO A 245 20.79 13.46 20.52
N MET A 246 19.78 13.87 19.76
CA MET A 246 18.46 13.25 19.78
C MET A 246 18.24 12.36 18.57
N THR A 247 19.29 12.10 17.81
CA THR A 247 19.16 11.24 16.61
C THR A 247 19.99 9.99 16.90
N HIS A 248 19.40 8.85 16.54
CA HIS A 248 19.95 7.55 16.97
C HIS A 248 20.11 6.57 15.80
N ARG A 249 21.08 5.67 15.91
CA ARG A 249 21.31 4.68 14.82
C ARG A 249 20.41 3.47 14.98
N GLY A 250 19.63 3.20 13.94
CA GLY A 250 18.90 1.97 13.82
C GLY A 250 19.70 0.93 13.08
N GLU A 251 19.00 -0.07 12.56
CA GLU A 251 19.64 -1.12 11.78
C GLU A 251 19.96 -0.60 10.38
N GLU A 252 20.92 -1.24 9.73
CA GLU A 252 21.35 -0.87 8.36
C GLU A 252 21.67 0.64 8.25
N ASP A 253 21.06 1.37 7.31
CA ASP A 253 21.33 2.81 7.16
C ASP A 253 20.24 3.69 7.80
N TRP A 254 19.44 3.09 8.67
CA TRP A 254 18.35 3.82 9.30
C TRP A 254 18.83 4.63 10.49
N LEU A 255 18.27 5.82 10.61
CA LEU A 255 18.37 6.65 11.82
C LEU A 255 16.97 6.84 12.35
N TYR A 256 16.85 7.06 13.66
CA TYR A 256 15.54 7.36 14.22
C TYR A 256 15.60 8.49 15.23
N GLU A 257 14.43 9.11 15.40
CA GLU A 257 14.26 10.15 16.40
C GLU A 257 12.83 10.26 16.85
N ARG A 258 12.65 10.90 17.99
CA ARG A 258 11.32 11.14 18.52
C ARG A 258 10.85 12.53 18.08
N LEU A 259 9.57 12.63 17.74
CA LEU A 259 8.96 13.88 17.31
C LEU A 259 7.86 14.27 18.26
N ALA A 260 7.70 15.58 18.39
CA ALA A 260 6.58 16.15 19.13
C ALA A 260 5.26 15.89 18.39
N PRO A 261 4.19 15.57 19.16
CA PRO A 261 2.90 15.27 18.52
C PRO A 261 2.20 16.47 17.95
S SO4 B . -8.46 -10.07 -4.40
O1 SO4 B . -9.61 -9.37 -5.01
O2 SO4 B . -7.82 -9.19 -3.38
O3 SO4 B . -7.49 -10.45 -5.44
O4 SO4 B . -8.96 -11.29 -3.74
S SO4 C . -12.33 -1.76 -20.19
O1 SO4 C . -13.33 -0.75 -19.74
O2 SO4 C . -13.02 -2.97 -20.72
O3 SO4 C . -11.59 -1.16 -21.31
O4 SO4 C . -11.40 -2.09 -19.06
S SO4 D . 22.94 6.26 19.35
O1 SO4 D . 22.60 7.74 19.45
O2 SO4 D . 21.91 5.47 20.13
O3 SO4 D . 22.86 5.87 17.89
O4 SO4 D . 24.33 6.01 19.94
N1 FMN E . -2.69 16.40 13.98
C2 FMN E . -3.18 17.69 13.89
O2 FMN E . -2.37 18.64 13.77
N3 FMN E . -4.52 17.94 13.95
C4 FMN E . -5.40 16.91 14.08
O4 FMN E . -6.63 17.01 14.12
C4A FMN E . -4.94 15.52 14.18
N5 FMN E . -5.83 14.52 14.32
C5A FMN E . -5.44 13.23 14.38
C6 FMN E . -6.43 12.27 14.50
C7 FMN E . -6.09 10.94 14.57
C7M FMN E . -7.17 9.90 14.71
C8 FMN E . -4.65 10.56 14.53
C8M FMN E . -4.30 9.09 14.60
C9 FMN E . -3.64 11.51 14.40
C9A FMN E . -3.99 12.88 14.32
N10 FMN E . -3.03 13.94 14.19
C10 FMN E . -3.49 15.29 14.11
C1' FMN E . -1.58 13.69 14.14
C2' FMN E . -1.09 13.52 12.70
O2' FMN E . -1.25 12.13 12.27
C3' FMN E . 0.39 13.98 12.59
O3' FMN E . 1.10 13.21 13.56
C4' FMN E . 0.70 15.45 12.88
O4' FMN E . -0.38 16.35 12.57
C5' FMN E . 1.93 15.94 12.13
O5' FMN E . 1.79 15.75 10.73
P FMN E . 2.86 16.30 9.66
O1P FMN E . 2.73 15.39 8.51
O2P FMN E . 2.43 17.68 9.34
O3P FMN E . 4.16 16.17 10.36
C1 EDO F . 8.57 3.57 -12.01
O1 EDO F . 8.82 2.17 -12.31
C2 EDO F . 7.07 3.83 -11.88
O2 EDO F . 6.37 3.38 -13.06
C1 EDO G . 8.53 1.92 -15.63
O1 EDO G . 8.91 0.68 -14.99
C2 EDO G . 7.02 2.19 -15.68
O2 EDO G . 6.36 2.00 -16.95
C1 EDO H . 6.89 -2.10 19.87
O1 EDO H . 6.39 -3.18 19.05
C2 EDO H . 5.87 -1.26 20.70
O2 EDO H . 4.49 -1.31 20.35
C1 EDO I . -8.63 -0.87 8.94
O1 EDO I . -9.25 0.24 8.30
C2 EDO I . -7.19 -0.51 9.19
O2 EDO I . -6.16 -1.18 8.45
#